data_7LUR
#
_entry.id   7LUR
#
_cell.length_a   63.438
_cell.length_b   69.335
_cell.length_c   135.421
_cell.angle_alpha   90.000
_cell.angle_beta   98.640
_cell.angle_gamma   90.000
#
_symmetry.space_group_name_H-M   'I 1 2 1'
#
loop_
_entity.id
_entity.type
_entity.pdbx_description
1 polymer 'Immunoglobulin heavy constant gamma 1'
2 polymer 'Mini Z domain'
3 water water
#
loop_
_entity_poly.entity_id
_entity_poly.type
_entity_poly.pdbx_seq_one_letter_code
_entity_poly.pdbx_strand_id
1 'polypeptide(L)'
;DKTHTCPPCPAPELLGGPSVFLFPPKPKDTLMISRTPEVTCVVVDVSHEDPEVKFNWYVDGVEVHNAKTKPCEEQYGSTY
RCVSVLTVLHQDWLNGKEYKCKVSNKALPAPIEKTISKAKGQPREPQVYTLPPSREEMTKNQVSLTCLVKGFYPSDIAVE
WESNGQPENNYKTTPPVLDSDGSFFLYSKLTVDKSRWQQGNVFSCSVMHEALHNHYTQKSLSLSPGK
;
A,B
2 'polypeptide(L)' FNMQCQRRFYEALHDPNLNEEQRNAKIKSIRDDC C,D
#
# COMPACT_ATOMS: atom_id res chain seq x y z
N GLY A 17 -25.38 -15.12 10.57
CA GLY A 17 -24.91 -16.48 10.44
C GLY A 17 -23.41 -16.61 10.27
N PRO A 18 -22.92 -17.84 10.21
CA PRO A 18 -21.47 -18.04 10.06
C PRO A 18 -20.97 -17.61 8.69
N SER A 19 -19.79 -16.99 8.67
CA SER A 19 -19.15 -16.56 7.44
C SER A 19 -17.81 -17.26 7.29
N VAL A 20 -17.36 -17.39 6.05
CA VAL A 20 -16.21 -18.20 5.70
C VAL A 20 -15.21 -17.37 4.91
N PHE A 21 -13.92 -17.53 5.25
CA PHE A 21 -12.83 -16.91 4.52
C PHE A 21 -11.81 -17.97 4.15
N LEU A 22 -11.21 -17.82 2.97
CA LEU A 22 -10.25 -18.79 2.44
C LEU A 22 -8.99 -18.04 2.07
N PHE A 23 -7.87 -18.39 2.72
CA PHE A 23 -6.64 -17.63 2.52
C PHE A 23 -5.63 -18.40 1.68
N PRO A 24 -4.94 -17.74 0.77
CA PRO A 24 -3.97 -18.41 -0.08
C PRO A 24 -2.70 -18.73 0.69
N PRO A 25 -1.85 -19.59 0.15
CA PRO A 25 -0.55 -19.82 0.78
C PRO A 25 0.33 -18.58 0.70
N LYS A 26 1.34 -18.53 1.56
CA LYS A 26 2.30 -17.44 1.48
C LYS A 26 3.11 -17.59 0.19
N PRO A 27 3.34 -16.50 -0.54
CA PRO A 27 4.10 -16.60 -1.80
C PRO A 27 5.39 -17.39 -1.67
N LYS A 28 6.14 -17.19 -0.58
CA LYS A 28 7.42 -17.88 -0.43
C LYS A 28 7.21 -19.39 -0.31
N ASP A 29 6.13 -19.82 0.36
CA ASP A 29 5.93 -21.24 0.60
C ASP A 29 5.62 -21.99 -0.69
N THR A 30 4.97 -21.34 -1.66
CA THR A 30 4.70 -21.99 -2.94
C THR A 30 5.94 -22.12 -3.80
N LEU A 31 6.96 -21.28 -3.56
CA LEU A 31 8.11 -21.16 -4.44
C LEU A 31 9.32 -21.96 -3.97
N MET A 32 9.47 -22.17 -2.67
CA MET A 32 10.67 -22.79 -2.11
C MET A 32 10.32 -24.21 -1.68
N ILE A 33 11.00 -25.19 -2.28
CA ILE A 33 10.71 -26.59 -2.00
C ILE A 33 10.99 -26.95 -0.54
N SER A 34 11.75 -26.10 0.16
CA SER A 34 11.99 -26.33 1.59
C SER A 34 10.79 -26.00 2.45
N ARG A 35 9.80 -25.28 1.92
CA ARG A 35 8.63 -24.85 2.66
C ARG A 35 7.42 -25.71 2.29
N THR A 36 6.36 -25.57 3.09
CA THR A 36 5.11 -26.27 2.83
C THR A 36 3.98 -25.27 2.62
N PRO A 37 3.53 -25.05 1.39
CA PRO A 37 2.43 -24.11 1.17
C PRO A 37 1.10 -24.69 1.65
N GLU A 38 0.26 -23.83 2.22
CA GLU A 38 -1.01 -24.25 2.78
C GLU A 38 -2.10 -23.26 2.42
N VAL A 39 -3.31 -23.77 2.25
CA VAL A 39 -4.51 -22.95 2.09
C VAL A 39 -5.35 -23.08 3.34
N THR A 40 -5.91 -21.96 3.81
CA THR A 40 -6.48 -21.88 5.15
C THR A 40 -7.93 -21.45 5.08
N CYS A 41 -8.81 -22.26 5.65
CA CYS A 41 -10.24 -21.99 5.67
C CYS A 41 -10.65 -21.61 7.08
N VAL A 42 -11.25 -20.43 7.23
CA VAL A 42 -11.64 -19.88 8.52
C VAL A 42 -13.13 -19.59 8.48
N VAL A 43 -13.87 -20.18 9.40
CA VAL A 43 -15.29 -19.88 9.57
C VAL A 43 -15.47 -19.24 10.94
N VAL A 44 -16.20 -18.12 10.96
CA VAL A 44 -16.40 -17.35 12.18
C VAL A 44 -17.89 -17.23 12.43
N ASP A 45 -18.23 -16.86 13.67
CA ASP A 45 -19.60 -16.62 14.10
C ASP A 45 -20.45 -17.88 13.94
N VAL A 46 -19.87 -19.02 14.30
CA VAL A 46 -20.64 -20.25 14.50
C VAL A 46 -21.38 -20.13 15.81
N SER A 47 -22.70 -20.35 15.79
CA SER A 47 -23.51 -20.09 16.97
C SER A 47 -23.13 -21.04 18.10
N HIS A 48 -23.54 -20.66 19.31
CA HIS A 48 -23.22 -21.47 20.49
C HIS A 48 -24.07 -22.73 20.54
N GLU A 49 -25.31 -22.67 20.03
CA GLU A 49 -26.20 -23.82 20.07
C GLU A 49 -25.77 -24.92 19.11
N ASP A 50 -25.17 -24.54 17.97
CA ASP A 50 -24.73 -25.48 16.95
C ASP A 50 -23.22 -25.33 16.76
N PRO A 51 -22.42 -25.79 17.73
CA PRO A 51 -21.00 -25.47 17.73
C PRO A 51 -20.17 -26.26 16.74
N GLU A 52 -20.76 -27.08 15.87
CA GLU A 52 -20.00 -28.10 15.18
C GLU A 52 -19.96 -27.68 13.72
N VAL A 53 -18.81 -27.84 13.09
CA VAL A 53 -18.64 -27.47 11.70
C VAL A 53 -18.01 -28.66 10.98
N LYS A 54 -18.35 -28.84 9.72
CA LYS A 54 -17.63 -29.80 8.91
C LYS A 54 -17.04 -29.11 7.69
N PHE A 55 -15.78 -29.42 7.42
CA PHE A 55 -15.08 -28.93 6.25
C PHE A 55 -15.01 -30.03 5.21
N ASN A 56 -15.27 -29.67 3.96
CA ASN A 56 -14.88 -30.50 2.82
C ASN A 56 -13.93 -29.68 1.96
N TRP A 57 -12.86 -30.33 1.48
CA TRP A 57 -11.84 -29.68 0.67
C TRP A 57 -11.81 -30.31 -0.71
N TYR A 58 -11.57 -29.49 -1.74
CA TYR A 58 -11.58 -29.96 -3.11
C TYR A 58 -10.46 -29.30 -3.89
N VAL A 59 -9.85 -30.07 -4.81
CA VAL A 59 -8.89 -29.55 -5.76
C VAL A 59 -9.49 -29.73 -7.14
N ASP A 60 -9.71 -28.62 -7.85
CA ASP A 60 -10.44 -28.64 -9.11
C ASP A 60 -11.71 -29.48 -9.00
N GLY A 61 -12.44 -29.30 -7.89
CA GLY A 61 -13.71 -29.98 -7.70
C GLY A 61 -13.64 -31.42 -7.19
N VAL A 62 -12.45 -32.00 -7.03
CA VAL A 62 -12.31 -33.37 -6.57
C VAL A 62 -11.90 -33.36 -5.10
N GLU A 63 -12.67 -34.05 -4.26
CA GLU A 63 -12.48 -33.97 -2.82
C GLU A 63 -11.12 -34.54 -2.42
N VAL A 64 -10.46 -33.87 -1.48
CA VAL A 64 -9.20 -34.32 -0.92
C VAL A 64 -9.38 -34.41 0.60
N HIS A 65 -8.50 -35.19 1.23
CA HIS A 65 -8.75 -35.62 2.60
C HIS A 65 -7.60 -35.36 3.56
N ASN A 66 -6.55 -34.68 3.14
CA ASN A 66 -5.35 -34.51 3.96
C ASN A 66 -5.38 -33.25 4.81
N ALA A 67 -6.55 -32.66 5.05
CA ALA A 67 -6.60 -31.40 5.78
C ALA A 67 -6.38 -31.61 7.27
N LYS A 68 -5.84 -30.59 7.91
CA LYS A 68 -5.67 -30.55 9.37
C LYS A 68 -6.70 -29.58 9.93
N THR A 69 -7.73 -30.14 10.56
CA THR A 69 -8.81 -29.37 11.14
C THR A 69 -8.69 -29.45 12.64
N LYS A 70 -8.44 -28.31 13.27
CA LYS A 70 -8.35 -28.35 14.72
C LYS A 70 -9.72 -28.09 15.32
N PRO A 71 -9.95 -28.39 16.61
CA PRO A 71 -11.29 -28.14 17.17
C PRO A 71 -11.63 -26.67 17.24
N CYS A 72 -12.94 -26.38 17.17
CA CYS A 72 -13.43 -25.02 17.22
C CYS A 72 -13.14 -24.39 18.58
N GLU A 73 -12.90 -23.08 18.57
CA GLU A 73 -12.55 -22.34 19.77
C GLU A 73 -13.58 -21.25 20.04
N GLU A 74 -14.03 -21.16 21.29
CA GLU A 74 -15.03 -20.16 21.66
C GLU A 74 -14.41 -18.78 21.75
N GLN A 75 -15.16 -17.79 21.26
CA GLN A 75 -14.73 -16.40 21.18
C GLN A 75 -15.47 -15.62 22.27
N TYR A 76 -15.32 -14.30 22.26
CA TYR A 76 -15.96 -13.48 23.30
C TYR A 76 -17.48 -13.62 23.28
N GLY A 77 -18.10 -13.44 22.11
CA GLY A 77 -19.54 -13.39 22.05
C GLY A 77 -20.24 -14.72 22.24
N SER A 78 -19.50 -15.73 22.71
CA SER A 78 -19.90 -17.12 22.86
C SER A 78 -20.05 -17.84 21.52
N THR A 79 -19.88 -17.15 20.39
CA THR A 79 -19.82 -17.83 19.11
C THR A 79 -18.48 -18.55 18.95
N TYR A 80 -18.37 -19.35 17.90
CA TYR A 80 -17.22 -20.20 17.68
C TYR A 80 -16.52 -19.90 16.37
N ARG A 81 -15.19 -19.88 16.44
CA ARG A 81 -14.28 -19.91 15.30
C ARG A 81 -13.67 -21.28 15.10
N CYS A 82 -13.45 -21.64 13.82
CA CYS A 82 -13.08 -23.00 13.45
C CYS A 82 -12.14 -22.86 12.26
N VAL A 83 -10.98 -23.51 12.30
CA VAL A 83 -9.98 -23.36 11.25
C VAL A 83 -9.59 -24.74 10.70
N SER A 84 -9.54 -24.86 9.37
CA SER A 84 -9.02 -26.02 8.68
C SER A 84 -7.90 -25.58 7.74
N VAL A 85 -6.82 -26.35 7.70
CA VAL A 85 -5.64 -25.99 6.93
C VAL A 85 -5.34 -27.14 5.98
N LEU A 86 -5.25 -26.83 4.69
CA LEU A 86 -4.95 -27.82 3.65
C LEU A 86 -3.57 -27.53 3.07
N THR A 87 -2.65 -28.49 3.19
CA THR A 87 -1.37 -28.36 2.50
C THR A 87 -1.54 -28.75 1.04
N VAL A 88 -0.85 -28.03 0.17
CA VAL A 88 -1.01 -28.17 -1.27
C VAL A 88 0.38 -28.38 -1.86
N LEU A 89 0.41 -28.95 -3.05
CA LEU A 89 1.65 -29.17 -3.75
C LEU A 89 2.07 -27.89 -4.46
N HIS A 90 3.33 -27.51 -4.29
CA HIS A 90 3.88 -26.29 -4.91
C HIS A 90 3.47 -26.19 -6.36
N GLN A 91 3.71 -27.28 -7.12
CA GLN A 91 3.46 -27.24 -8.56
C GLN A 91 1.99 -27.16 -8.88
N ASP A 92 1.10 -27.69 -8.03
CA ASP A 92 -0.33 -27.55 -8.29
C ASP A 92 -0.77 -26.10 -8.12
N TRP A 93 -0.32 -25.43 -7.06
CA TRP A 93 -0.65 -24.02 -6.90
C TRP A 93 -0.10 -23.20 -8.07
N LEU A 94 1.18 -23.39 -8.41
CA LEU A 94 1.78 -22.61 -9.48
C LEU A 94 1.13 -22.90 -10.83
N ASN A 95 0.62 -24.13 -11.03
CA ASN A 95 -0.03 -24.50 -12.28
C ASN A 95 -1.52 -24.19 -12.30
N GLY A 96 -2.00 -23.39 -11.36
CA GLY A 96 -3.33 -22.81 -11.49
C GLY A 96 -4.47 -23.63 -10.94
N LYS A 97 -4.18 -24.70 -10.20
CA LYS A 97 -5.27 -25.51 -9.70
C LYS A 97 -6.10 -24.72 -8.70
N GLU A 98 -7.35 -25.12 -8.56
CA GLU A 98 -8.37 -24.36 -7.87
C GLU A 98 -8.74 -25.10 -6.59
N TYR A 99 -8.61 -24.41 -5.45
CA TYR A 99 -8.80 -25.01 -4.13
C TYR A 99 -10.08 -24.49 -3.51
N LYS A 100 -10.92 -25.41 -3.05
CA LYS A 100 -12.26 -25.06 -2.60
C LYS A 100 -12.48 -25.59 -1.20
N CYS A 101 -12.99 -24.74 -0.33
CA CYS A 101 -13.41 -25.11 1.01
C CYS A 101 -14.92 -25.02 1.10
N LYS A 102 -15.55 -26.10 1.56
CA LYS A 102 -16.98 -26.14 1.81
C LYS A 102 -17.23 -26.28 3.30
N VAL A 103 -18.11 -25.44 3.85
CA VAL A 103 -18.37 -25.40 5.29
C VAL A 103 -19.83 -25.77 5.53
N SER A 104 -20.05 -26.83 6.30
CA SER A 104 -21.37 -27.34 6.61
C SER A 104 -21.68 -27.13 8.09
N ASN A 105 -22.91 -26.71 8.36
CA ASN A 105 -23.34 -26.41 9.72
C ASN A 105 -24.85 -26.61 9.77
N LYS A 106 -25.37 -26.79 10.99
CA LYS A 106 -26.81 -27.04 11.13
C LYS A 106 -27.60 -25.74 11.05
N ALA A 107 -27.03 -24.64 11.52
CA ALA A 107 -27.67 -23.33 11.41
C ALA A 107 -27.75 -22.84 9.97
N LEU A 108 -27.14 -23.55 9.03
CA LEU A 108 -27.16 -23.18 7.62
C LEU A 108 -28.06 -24.11 6.84
N PRO A 109 -28.95 -23.58 6.00
CA PRO A 109 -29.70 -24.46 5.10
C PRO A 109 -28.82 -25.07 4.02
N ALA A 110 -27.86 -24.30 3.51
CA ALA A 110 -26.92 -24.78 2.51
C ALA A 110 -25.50 -24.51 2.97
N PRO A 111 -24.57 -25.43 2.72
CA PRO A 111 -23.17 -25.18 3.07
C PRO A 111 -22.63 -23.99 2.30
N ILE A 112 -21.65 -23.30 2.90
CA ILE A 112 -20.95 -22.21 2.24
C ILE A 112 -19.68 -22.77 1.59
N GLU A 113 -19.37 -22.29 0.39
CA GLU A 113 -18.20 -22.72 -0.37
C GLU A 113 -17.42 -21.48 -0.77
N LYS A 114 -16.13 -21.42 -0.47
CA LYS A 114 -15.28 -20.44 -1.12
C LYS A 114 -14.20 -21.20 -1.90
N THR A 115 -13.65 -20.51 -2.89
CA THR A 115 -12.67 -21.07 -3.81
C THR A 115 -11.58 -20.04 -4.07
N ILE A 116 -10.32 -20.49 -4.12
CA ILE A 116 -9.21 -19.62 -4.47
C ILE A 116 -8.24 -20.34 -5.39
N SER A 117 -7.48 -19.55 -6.13
CA SER A 117 -6.39 -20.07 -6.96
C SER A 117 -5.41 -18.93 -7.21
N LYS A 118 -4.28 -19.28 -7.83
CA LYS A 118 -3.27 -18.31 -8.19
C LYS A 118 -3.79 -17.28 -9.17
N ALA A 119 -3.30 -16.05 -9.04
CA ALA A 119 -3.58 -15.01 -10.03
C ALA A 119 -3.27 -15.52 -11.44
N LYS A 120 -4.24 -15.38 -12.33
CA LYS A 120 -4.04 -15.61 -13.74
C LYS A 120 -3.20 -14.58 -14.46
N GLY A 121 -2.58 -15.05 -15.54
CA GLY A 121 -1.83 -14.19 -16.44
C GLY A 121 -0.40 -14.64 -16.66
N GLN A 122 0.13 -14.29 -17.83
CA GLN A 122 1.51 -14.57 -18.18
C GLN A 122 2.46 -14.04 -17.11
N PRO A 123 3.27 -14.90 -16.49
CA PRO A 123 4.24 -14.41 -15.50
C PRO A 123 5.30 -13.52 -16.14
N ARG A 124 5.79 -12.55 -15.36
CA ARG A 124 6.86 -11.68 -15.84
C ARG A 124 7.96 -11.53 -14.80
N GLU A 125 9.19 -11.60 -15.27
CA GLU A 125 10.35 -11.73 -14.41
C GLU A 125 10.68 -10.40 -13.72
N PRO A 126 10.81 -10.37 -12.40
CA PRO A 126 11.21 -9.14 -11.73
C PRO A 126 12.66 -8.80 -12.04
N GLN A 127 12.91 -7.53 -12.26
CA GLN A 127 14.25 -6.97 -12.34
C GLN A 127 14.58 -6.40 -10.97
N VAL A 128 15.76 -6.75 -10.44
CA VAL A 128 16.10 -6.43 -9.06
C VAL A 128 17.33 -5.53 -9.06
N TYR A 129 17.21 -4.39 -8.38
CA TYR A 129 18.27 -3.38 -8.39
C TYR A 129 18.48 -2.87 -6.98
N THR A 130 19.72 -2.85 -6.53
CA THR A 130 20.05 -2.29 -5.23
C THR A 130 20.54 -0.86 -5.43
N LEU A 131 20.14 0.02 -4.53
CA LEU A 131 20.49 1.44 -4.63
C LEU A 131 21.13 1.82 -3.30
N PRO A 132 22.39 2.26 -3.28
CA PRO A 132 23.05 2.56 -2.02
C PRO A 132 22.51 3.85 -1.41
N PRO A 133 22.86 4.14 -0.16
CA PRO A 133 22.44 5.41 0.44
C PRO A 133 23.02 6.60 -0.33
N SER A 134 22.20 7.63 -0.49
CA SER A 134 22.70 8.84 -1.12
C SER A 134 23.69 9.53 -0.21
N ARG A 135 24.51 10.40 -0.80
CA ARG A 135 25.51 11.12 -0.04
C ARG A 135 24.86 11.98 1.04
N GLU A 136 23.66 12.50 0.76
CA GLU A 136 22.95 13.31 1.75
C GLU A 136 22.56 12.48 2.97
N GLU A 137 22.19 11.22 2.77
CA GLU A 137 21.79 10.41 3.92
C GLU A 137 22.98 9.99 4.76
N MET A 138 24.18 9.87 4.15
CA MET A 138 25.41 9.62 4.89
C MET A 138 25.69 10.60 6.02
N THR A 139 25.02 11.73 6.04
CA THR A 139 25.24 12.65 7.14
C THR A 139 24.47 12.25 8.40
N LYS A 140 23.62 11.23 8.32
CA LYS A 140 22.79 10.80 9.44
C LYS A 140 23.42 9.61 10.14
N ASN A 141 22.80 9.22 11.27
CA ASN A 141 23.34 8.13 12.06
C ASN A 141 22.95 6.78 11.50
N GLN A 142 21.84 6.71 10.78
CA GLN A 142 21.40 5.50 10.11
C GLN A 142 21.17 5.83 8.64
N VAL A 143 21.32 4.81 7.79
CA VAL A 143 21.16 4.98 6.36
C VAL A 143 20.21 3.91 5.84
N SER A 144 19.71 4.14 4.64
CA SER A 144 18.71 3.29 4.02
C SER A 144 19.34 2.56 2.84
N LEU A 145 19.36 1.24 2.91
CA LEU A 145 19.72 0.40 1.77
C LEU A 145 18.44 0.02 1.04
N THR A 146 18.40 0.31 -0.25
CA THR A 146 17.18 0.20 -1.02
C THR A 146 17.28 -0.95 -2.01
N CYS A 147 16.20 -1.73 -2.12
CA CYS A 147 16.09 -2.78 -3.13
C CYS A 147 14.86 -2.48 -3.96
N LEU A 148 15.07 -2.16 -5.24
CA LEU A 148 13.98 -1.91 -6.16
C LEU A 148 13.69 -3.19 -6.93
N VAL A 149 12.44 -3.65 -6.89
CA VAL A 149 12.03 -4.83 -7.62
C VAL A 149 10.94 -4.41 -8.59
N LYS A 150 11.19 -4.54 -9.90
CA LYS A 150 10.22 -3.99 -10.84
C LYS A 150 10.00 -4.94 -12.01
N GLY A 151 8.80 -4.87 -12.58
CA GLY A 151 8.47 -5.61 -13.79
C GLY A 151 7.89 -6.99 -13.57
N PHE A 152 7.47 -7.32 -12.36
CA PHE A 152 7.01 -8.68 -12.07
C PHE A 152 5.51 -8.80 -12.18
N TYR A 153 5.07 -10.00 -12.55
CA TYR A 153 3.68 -10.36 -12.60
C TYR A 153 3.66 -11.87 -12.36
N PRO A 154 2.73 -12.38 -11.55
CA PRO A 154 1.73 -11.68 -10.73
C PRO A 154 2.37 -10.98 -9.54
N SER A 155 1.55 -10.40 -8.66
CA SER A 155 2.08 -9.57 -7.58
C SER A 155 2.64 -10.39 -6.42
N ASP A 156 2.35 -11.70 -6.36
CA ASP A 156 2.90 -12.55 -5.32
C ASP A 156 4.42 -12.57 -5.38
N ILE A 157 5.05 -12.15 -4.28
CA ILE A 157 6.50 -12.03 -4.23
C ILE A 157 6.90 -12.05 -2.77
N ALA A 158 8.14 -12.45 -2.51
CA ALA A 158 8.73 -12.34 -1.19
C ALA A 158 10.11 -11.72 -1.33
N VAL A 159 10.42 -10.79 -0.43
CA VAL A 159 11.68 -10.07 -0.40
C VAL A 159 12.27 -10.18 1.00
N GLU A 160 13.56 -10.47 1.08
CA GLU A 160 14.26 -10.63 2.35
C GLU A 160 15.65 -10.03 2.21
N TRP A 161 16.31 -9.82 3.34
CA TRP A 161 17.65 -9.27 3.37
C TRP A 161 18.56 -10.17 4.19
N GLU A 162 19.82 -10.26 3.81
CA GLU A 162 20.79 -10.90 4.67
C GLU A 162 22.11 -10.15 4.62
N SER A 163 23.01 -10.53 5.53
CA SER A 163 24.38 -10.05 5.54
C SER A 163 25.26 -11.09 6.20
N ASN A 164 26.39 -11.39 5.55
CA ASN A 164 27.37 -12.35 6.05
C ASN A 164 26.71 -13.70 6.38
N GLY A 165 25.84 -14.15 5.48
CA GLY A 165 25.15 -15.42 5.68
C GLY A 165 24.27 -15.47 6.91
N GLN A 166 23.70 -14.33 7.32
CA GLN A 166 22.77 -14.27 8.41
C GLN A 166 21.62 -13.36 8.03
N PRO A 167 20.39 -13.69 8.41
CA PRO A 167 19.25 -12.83 8.01
C PRO A 167 19.32 -11.47 8.70
N GLU A 168 18.99 -10.45 7.92
CA GLU A 168 18.75 -9.10 8.44
C GLU A 168 17.25 -8.87 8.47
N ASN A 169 16.70 -8.64 9.65
CA ASN A 169 15.25 -8.53 9.77
C ASN A 169 14.74 -7.11 9.94
N ASN A 170 15.62 -6.10 9.94
CA ASN A 170 15.21 -4.71 10.21
C ASN A 170 14.90 -3.96 8.91
N TYR A 171 13.99 -4.51 8.12
CA TYR A 171 13.61 -3.89 6.87
C TYR A 171 12.10 -3.74 6.78
N LYS A 172 11.65 -2.81 5.95
CA LYS A 172 10.25 -2.67 5.60
C LYS A 172 10.13 -2.69 4.09
N THR A 173 9.08 -3.33 3.59
CA THR A 173 8.86 -3.46 2.16
C THR A 173 7.51 -2.85 1.82
N THR A 174 7.46 -2.10 0.72
CA THR A 174 6.17 -1.53 0.34
C THR A 174 5.31 -2.63 -0.26
N PRO A 175 3.99 -2.49 -0.21
CA PRO A 175 3.13 -3.37 -0.98
C PRO A 175 3.46 -3.22 -2.46
N PRO A 176 3.19 -4.23 -3.27
CA PRO A 176 3.36 -4.06 -4.73
C PRO A 176 2.50 -2.91 -5.24
N VAL A 177 3.05 -2.15 -6.17
CA VAL A 177 2.34 -1.06 -6.84
C VAL A 177 2.18 -1.44 -8.31
N LEU A 178 0.95 -1.34 -8.82
CA LEU A 178 0.70 -1.68 -10.22
C LEU A 178 1.28 -0.60 -11.11
N ASP A 179 2.20 -0.98 -11.99
CA ASP A 179 2.81 -0.03 -12.91
C ASP A 179 1.94 0.09 -14.16
N SER A 180 2.31 1.00 -15.05
CA SER A 180 1.46 1.33 -16.19
C SER A 180 1.50 0.29 -17.30
N ASP A 181 2.48 -0.63 -17.30
CA ASP A 181 2.57 -1.66 -18.32
C ASP A 181 1.98 -3.00 -17.86
N GLY A 182 1.14 -3.00 -16.82
CA GLY A 182 0.57 -4.23 -16.33
C GLY A 182 1.45 -5.04 -15.39
N SER A 183 2.65 -4.57 -15.06
CA SER A 183 3.53 -5.24 -14.12
C SER A 183 3.58 -4.48 -12.81
N PHE A 184 4.18 -5.09 -11.80
CA PHE A 184 4.27 -4.51 -10.48
C PHE A 184 5.70 -4.13 -10.12
N PHE A 185 5.81 -3.16 -9.21
CA PHE A 185 7.09 -2.85 -8.60
C PHE A 185 6.87 -2.65 -7.11
N LEU A 186 7.95 -2.79 -6.36
CA LEU A 186 8.00 -2.44 -4.96
C LEU A 186 9.40 -1.97 -4.62
N TYR A 187 9.54 -1.40 -3.44
CA TYR A 187 10.84 -1.09 -2.86
C TYR A 187 10.92 -1.74 -1.48
N SER A 188 12.10 -2.24 -1.14
CA SER A 188 12.38 -2.73 0.20
C SER A 188 13.49 -1.89 0.79
N LYS A 189 13.32 -1.48 2.04
CA LYS A 189 14.24 -0.55 2.69
C LYS A 189 14.80 -1.23 3.93
N LEU A 190 16.11 -1.43 3.95
CA LEU A 190 16.80 -1.94 5.13
C LEU A 190 17.50 -0.77 5.79
N THR A 191 17.20 -0.54 7.06
CA THR A 191 17.84 0.50 7.84
C THR A 191 19.03 -0.10 8.58
N VAL A 192 20.20 0.50 8.42
CA VAL A 192 21.38 0.07 9.15
C VAL A 192 22.10 1.30 9.69
N ASP A 193 22.77 1.12 10.82
CA ASP A 193 23.62 2.18 11.34
C ASP A 193 24.65 2.54 10.30
N LYS A 194 24.92 3.84 10.16
CA LYS A 194 25.88 4.26 9.13
C LYS A 194 27.24 3.64 9.36
N SER A 195 27.60 3.38 10.62
CA SER A 195 28.88 2.74 10.91
C SER A 195 28.96 1.35 10.28
N ARG A 196 27.91 0.52 10.42
CA ARG A 196 27.97 -0.79 9.77
C ARG A 196 28.14 -0.65 8.27
N TRP A 197 27.43 0.29 7.66
CA TRP A 197 27.52 0.47 6.22
C TRP A 197 28.91 0.91 5.82
N GLN A 198 29.48 1.87 6.57
CA GLN A 198 30.80 2.41 6.23
C GLN A 198 31.94 1.43 6.47
N GLN A 199 31.75 0.43 7.34
CA GLN A 199 32.77 -0.59 7.53
C GLN A 199 32.81 -1.59 6.39
N GLY A 200 32.05 -1.36 5.31
CA GLY A 200 32.16 -2.16 4.11
C GLY A 200 31.47 -3.51 4.15
N ASN A 201 30.59 -3.74 5.12
CA ASN A 201 29.83 -4.99 5.14
C ASN A 201 29.00 -5.14 3.88
N VAL A 202 28.93 -6.37 3.37
CA VAL A 202 28.14 -6.69 2.19
C VAL A 202 26.72 -7.04 2.63
N PHE A 203 25.74 -6.40 2.02
CA PHE A 203 24.34 -6.69 2.28
C PHE A 203 23.73 -7.25 1.02
N SER A 204 22.62 -7.96 1.16
CA SER A 204 22.04 -8.63 0.02
C SER A 204 20.52 -8.56 0.10
N CYS A 205 19.91 -8.18 -1.01
CA CYS A 205 18.47 -8.29 -1.21
C CYS A 205 18.16 -9.61 -1.89
N SER A 206 17.31 -10.43 -1.28
CA SER A 206 16.87 -11.69 -1.86
C SER A 206 15.40 -11.62 -2.23
N VAL A 207 15.09 -11.99 -3.46
CA VAL A 207 13.76 -11.88 -4.03
C VAL A 207 13.30 -13.25 -4.50
N MET A 208 12.08 -13.63 -4.13
CA MET A 208 11.52 -14.91 -4.54
C MET A 208 10.28 -14.65 -5.36
N HIS A 209 10.24 -15.19 -6.58
CA HIS A 209 9.13 -14.96 -7.49
C HIS A 209 9.05 -16.08 -8.50
N GLU A 210 7.83 -16.42 -8.88
CA GLU A 210 7.55 -17.49 -9.85
C GLU A 210 8.37 -17.34 -11.13
N ALA A 211 8.57 -16.12 -11.60
CA ALA A 211 9.17 -15.91 -12.92
C ALA A 211 10.69 -15.77 -12.87
N LEU A 212 11.31 -15.93 -11.72
CA LEU A 212 12.76 -15.95 -11.61
C LEU A 212 13.29 -17.38 -11.78
N HIS A 213 14.47 -17.48 -12.37
CA HIS A 213 15.15 -18.77 -12.42
C HIS A 213 15.43 -19.25 -11.00
N ASN A 214 15.14 -20.53 -10.73
CA ASN A 214 15.16 -21.13 -9.40
C ASN A 214 14.19 -20.48 -8.43
N HIS A 215 13.29 -19.62 -8.92
CA HIS A 215 12.41 -18.79 -8.10
C HIS A 215 13.16 -17.87 -7.16
N TYR A 216 14.42 -17.55 -7.44
CA TYR A 216 15.25 -16.92 -6.42
C TYR A 216 16.38 -16.13 -7.07
N THR A 217 16.57 -14.90 -6.62
CA THR A 217 17.76 -14.16 -7.01
C THR A 217 18.18 -13.29 -5.85
N GLN A 218 19.49 -13.06 -5.77
CA GLN A 218 20.07 -12.30 -4.68
C GLN A 218 20.97 -11.25 -5.30
N LYS A 219 20.77 -10.00 -4.90
CA LYS A 219 21.56 -8.88 -5.37
C LYS A 219 22.31 -8.28 -4.18
N SER A 220 23.59 -7.99 -4.37
CA SER A 220 24.43 -7.50 -3.30
C SER A 220 24.49 -5.97 -3.30
N LEU A 221 24.85 -5.43 -2.15
CA LEU A 221 24.97 -3.99 -1.97
C LEU A 221 26.06 -3.77 -0.93
N SER A 222 27.12 -3.04 -1.28
CA SER A 222 28.20 -2.79 -0.35
C SER A 222 28.92 -1.51 -0.73
N LEU A 223 29.62 -0.93 0.25
CA LEU A 223 30.35 0.31 0.02
C LEU A 223 31.57 0.07 -0.85
N GLY B 17 -30.26 1.51 5.07
CA GLY B 17 -30.72 2.86 4.82
C GLY B 17 -29.67 3.74 4.17
N PRO B 18 -29.89 5.05 4.18
CA PRO B 18 -28.88 5.97 3.67
C PRO B 18 -27.63 5.94 4.53
N SER B 19 -26.46 6.04 3.89
CA SER B 19 -25.18 6.05 4.59
C SER B 19 -24.34 7.23 4.13
N VAL B 20 -23.48 7.71 5.02
CA VAL B 20 -22.78 8.98 4.85
C VAL B 20 -21.28 8.75 4.96
N PHE B 21 -20.52 9.34 4.04
CA PHE B 21 -19.08 9.34 4.10
C PHE B 21 -18.58 10.78 4.03
N LEU B 22 -17.49 11.05 4.74
CA LEU B 22 -16.93 12.39 4.89
C LEU B 22 -15.45 12.31 4.52
N PHE B 23 -15.06 12.98 3.43
CA PHE B 23 -13.70 12.85 2.94
C PHE B 23 -12.86 14.07 3.27
N PRO B 24 -11.62 13.85 3.70
CA PRO B 24 -10.74 14.96 4.06
C PRO B 24 -10.29 15.72 2.82
N PRO B 25 -9.67 16.88 2.97
CA PRO B 25 -9.10 17.56 1.81
C PRO B 25 -7.88 16.81 1.30
N LYS B 26 -7.48 17.12 0.06
CA LYS B 26 -6.24 16.56 -0.45
C LYS B 26 -5.06 17.14 0.33
N PRO B 27 -4.08 16.32 0.71
CA PRO B 27 -2.92 16.86 1.45
C PRO B 27 -2.32 18.09 0.81
N LYS B 28 -2.19 18.12 -0.51
CA LYS B 28 -1.59 19.28 -1.18
C LYS B 28 -2.43 20.54 -0.99
N ASP B 29 -3.76 20.40 -1.03
CA ASP B 29 -4.64 21.56 -0.98
C ASP B 29 -4.55 22.27 0.37
N THR B 30 -4.37 21.51 1.46
CA THR B 30 -4.26 22.15 2.77
C THR B 30 -2.92 22.87 2.96
N LEU B 31 -1.93 22.55 2.13
CA LEU B 31 -0.55 22.98 2.35
C LEU B 31 -0.15 24.16 1.48
N MET B 32 -0.77 24.32 0.32
CA MET B 32 -0.34 25.29 -0.67
C MET B 32 -1.39 26.40 -0.76
N ILE B 33 -0.97 27.63 -0.49
CA ILE B 33 -1.90 28.76 -0.46
C ILE B 33 -2.55 28.99 -1.82
N SER B 34 -1.95 28.48 -2.89
CA SER B 34 -2.56 28.56 -4.22
C SER B 34 -3.74 27.63 -4.38
N ARG B 35 -3.96 26.72 -3.45
CA ARG B 35 -4.99 25.70 -3.59
C ARG B 35 -6.11 25.97 -2.58
N THR B 36 -7.25 25.32 -2.81
CA THR B 36 -8.42 25.49 -1.95
C THR B 36 -8.80 24.16 -1.31
N PRO B 37 -8.47 23.96 -0.03
CA PRO B 37 -8.84 22.70 0.62
C PRO B 37 -10.33 22.64 0.89
N GLU B 38 -10.88 21.42 0.79
CA GLU B 38 -12.31 21.17 0.83
C GLU B 38 -12.58 19.87 1.56
N VAL B 39 -13.65 19.84 2.35
CA VAL B 39 -14.15 18.60 2.94
C VAL B 39 -15.43 18.21 2.20
N THR B 40 -15.60 16.91 1.96
CA THR B 40 -16.67 16.45 1.09
C THR B 40 -17.53 15.42 1.81
N CYS B 41 -18.84 15.68 1.84
CA CYS B 41 -19.81 14.83 2.49
C CYS B 41 -20.67 14.17 1.42
N VAL B 42 -20.69 12.84 1.41
CA VAL B 42 -21.41 12.06 0.40
C VAL B 42 -22.42 11.18 1.12
N VAL B 43 -23.69 11.30 0.73
CA VAL B 43 -24.73 10.40 1.20
C VAL B 43 -25.22 9.58 0.01
N VAL B 44 -25.29 8.26 0.19
CA VAL B 44 -25.70 7.33 -0.83
C VAL B 44 -26.97 6.62 -0.34
N ASP B 45 -27.64 5.94 -1.28
CA ASP B 45 -28.77 5.06 -0.97
C ASP B 45 -29.90 5.83 -0.29
N VAL B 46 -30.22 7.00 -0.84
CA VAL B 46 -31.40 7.76 -0.43
C VAL B 46 -32.62 7.17 -1.13
N SER B 47 -33.72 7.00 -0.38
CA SER B 47 -34.90 6.39 -0.96
C SER B 47 -35.40 7.18 -2.15
N HIS B 48 -36.00 6.48 -3.11
CA HIS B 48 -36.62 7.19 -4.23
C HIS B 48 -37.82 8.01 -3.79
N GLU B 49 -38.54 7.58 -2.74
CA GLU B 49 -39.74 8.31 -2.35
C GLU B 49 -39.41 9.61 -1.64
N ASP B 50 -38.19 9.77 -1.12
CA ASP B 50 -37.78 10.95 -0.36
C ASP B 50 -36.43 11.45 -0.88
N PRO B 51 -36.39 11.99 -2.13
CA PRO B 51 -35.12 12.30 -2.80
C PRO B 51 -34.50 13.61 -2.30
N GLU B 52 -34.54 13.72 -0.97
CA GLU B 52 -34.45 14.97 -0.21
C GLU B 52 -33.55 14.83 0.99
N VAL B 53 -32.39 15.48 0.92
CA VAL B 53 -31.47 15.50 2.06
C VAL B 53 -31.14 16.94 2.42
N LYS B 54 -30.87 17.13 3.71
CA LYS B 54 -30.45 18.41 4.26
C LYS B 54 -29.07 18.20 4.88
N PHE B 55 -28.10 19.00 4.43
CA PHE B 55 -26.76 19.00 5.01
C PHE B 55 -26.64 20.14 6.00
N ASN B 56 -26.08 19.85 7.18
CA ASN B 56 -25.62 20.89 8.10
C ASN B 56 -24.15 20.67 8.34
N TRP B 57 -23.38 21.76 8.33
CA TRP B 57 -21.94 21.70 8.50
C TRP B 57 -21.56 22.40 9.79
N TYR B 58 -20.54 21.87 10.46
CA TYR B 58 -20.10 22.43 11.73
C TYR B 58 -18.58 22.40 11.80
N VAL B 59 -18.00 23.47 12.33
CA VAL B 59 -16.56 23.55 12.61
C VAL B 59 -16.41 23.61 14.12
N ASP B 60 -15.78 22.58 14.71
CA ASP B 60 -15.73 22.47 16.17
C ASP B 60 -17.10 22.70 16.80
N GLY B 61 -18.15 22.14 16.19
CA GLY B 61 -19.49 22.19 16.73
C GLY B 61 -20.32 23.41 16.37
N VAL B 62 -19.73 24.43 15.74
CA VAL B 62 -20.43 25.66 15.42
C VAL B 62 -20.85 25.62 13.96
N GLU B 63 -22.15 25.78 13.71
CA GLU B 63 -22.66 25.66 12.35
C GLU B 63 -22.05 26.73 11.44
N VAL B 64 -21.65 26.31 10.23
CA VAL B 64 -21.14 27.20 9.20
C VAL B 64 -22.03 27.03 7.97
N HIS B 65 -21.99 28.03 7.08
CA HIS B 65 -22.97 28.13 6.01
C HIS B 65 -22.41 28.21 4.61
N ASN B 66 -21.09 28.12 4.42
CA ASN B 66 -20.51 28.40 3.11
C ASN B 66 -20.46 27.18 2.17
N ALA B 67 -21.14 26.09 2.50
CA ALA B 67 -20.98 24.88 1.71
C ALA B 67 -21.67 25.01 0.36
N LYS B 68 -21.16 24.28 -0.62
CA LYS B 68 -21.77 24.18 -1.94
C LYS B 68 -22.44 22.82 -2.06
N THR B 69 -23.77 22.81 -2.07
CA THR B 69 -24.56 21.60 -2.17
C THR B 69 -25.18 21.52 -3.56
N LYS B 70 -24.89 20.45 -4.27
CA LYS B 70 -25.47 20.15 -5.57
C LYS B 70 -26.74 19.32 -5.38
N PRO B 71 -27.71 19.42 -6.29
CA PRO B 71 -28.93 18.62 -6.14
C PRO B 71 -28.61 17.13 -6.20
N CYS B 72 -29.43 16.36 -5.52
CA CYS B 72 -29.30 14.92 -5.53
C CYS B 72 -29.46 14.39 -6.95
N GLU B 73 -28.74 13.30 -7.24
CA GLU B 73 -28.83 12.62 -8.52
C GLU B 73 -29.11 11.15 -8.27
N GLU B 74 -30.00 10.57 -9.08
CA GLU B 74 -30.40 9.18 -8.86
C GLU B 74 -29.48 8.24 -9.62
N GLN B 75 -29.08 7.16 -8.95
CA GLN B 75 -28.13 6.18 -9.47
C GLN B 75 -28.88 5.06 -10.17
N TYR B 76 -28.17 3.98 -10.50
CA TYR B 76 -28.83 2.75 -10.86
C TYR B 76 -29.56 2.17 -9.65
N GLY B 77 -30.64 1.45 -9.91
CA GLY B 77 -31.66 1.34 -8.90
C GLY B 77 -32.40 2.67 -8.91
N SER B 78 -33.24 2.85 -7.91
CA SER B 78 -33.96 4.12 -7.82
C SER B 78 -33.30 5.10 -6.85
N THR B 79 -32.31 4.65 -6.08
CA THR B 79 -31.74 5.47 -5.02
C THR B 79 -30.96 6.65 -5.60
N TYR B 80 -30.75 7.65 -4.74
CA TYR B 80 -30.04 8.88 -5.06
C TYR B 80 -28.77 8.96 -4.22
N ARG B 81 -27.73 9.64 -4.74
CA ARG B 81 -26.60 10.07 -3.93
C ARG B 81 -26.56 11.59 -3.97
N CYS B 82 -26.00 12.19 -2.92
CA CYS B 82 -26.14 13.62 -2.72
C CYS B 82 -24.82 14.09 -2.14
N VAL B 83 -24.25 15.16 -2.69
CA VAL B 83 -22.91 15.60 -2.31
C VAL B 83 -22.96 17.04 -1.81
N SER B 84 -22.28 17.30 -0.70
CA SER B 84 -22.03 18.66 -0.24
C SER B 84 -20.54 18.83 -0.02
N VAL B 85 -20.02 20.00 -0.39
CA VAL B 85 -18.59 20.29 -0.36
C VAL B 85 -18.38 21.57 0.43
N LEU B 86 -17.53 21.51 1.45
CA LEU B 86 -17.25 22.67 2.30
C LEU B 86 -15.80 23.06 2.13
N THR B 87 -15.55 24.29 1.69
CA THR B 87 -14.18 24.78 1.64
C THR B 87 -13.75 25.17 3.06
N VAL B 88 -12.48 24.91 3.38
CA VAL B 88 -11.96 25.16 4.71
C VAL B 88 -10.71 26.01 4.60
N LEU B 89 -10.36 26.66 5.70
CA LEU B 89 -9.12 27.44 5.78
C LEU B 89 -7.94 26.51 6.02
N HIS B 90 -6.87 26.69 5.23
CA HIS B 90 -5.64 25.91 5.40
C HIS B 90 -5.23 25.84 6.86
N GLN B 91 -5.13 26.99 7.52
CA GLN B 91 -4.65 27.04 8.89
C GLN B 91 -5.62 26.34 9.85
N ASP B 92 -6.92 26.36 9.55
CA ASP B 92 -7.88 25.68 10.43
C ASP B 92 -7.73 24.17 10.34
N TRP B 93 -7.59 23.62 9.13
CA TRP B 93 -7.31 22.19 9.00
C TRP B 93 -6.00 21.84 9.71
N LEU B 94 -4.93 22.56 9.40
CA LEU B 94 -3.63 22.25 10.00
C LEU B 94 -3.63 22.42 11.50
N ASN B 95 -4.47 23.31 12.03
CA ASN B 95 -4.49 23.53 13.47
C ASN B 95 -5.49 22.63 14.18
N GLY B 96 -5.95 21.57 13.50
CA GLY B 96 -6.70 20.52 14.16
C GLY B 96 -8.17 20.76 14.33
N LYS B 97 -8.74 21.75 13.64
CA LYS B 97 -10.18 21.96 13.77
C LYS B 97 -10.93 20.76 13.23
N GLU B 98 -12.11 20.57 13.78
CA GLU B 98 -12.91 19.38 13.63
C GLU B 98 -14.13 19.72 12.76
N TYR B 99 -14.29 19.01 11.65
CA TYR B 99 -15.32 19.31 10.66
C TYR B 99 -16.39 18.22 10.69
N LYS B 100 -17.64 18.64 10.86
CA LYS B 100 -18.74 17.71 11.06
C LYS B 100 -19.80 17.92 10.00
N CYS B 101 -20.28 16.82 9.44
CA CYS B 101 -21.37 16.81 8.48
C CYS B 101 -22.57 16.12 9.10
N LYS B 102 -23.72 16.80 9.11
CA LYS B 102 -24.98 16.22 9.57
C LYS B 102 -25.92 16.05 8.37
N VAL B 103 -26.43 14.84 8.20
CA VAL B 103 -27.29 14.48 7.07
C VAL B 103 -28.68 14.15 7.61
N SER B 104 -29.68 14.90 7.15
CA SER B 104 -31.06 14.72 7.57
C SER B 104 -31.91 14.27 6.39
N ASN B 105 -32.86 13.37 6.66
CA ASN B 105 -33.71 12.81 5.62
C ASN B 105 -34.96 12.24 6.30
N LYS B 106 -36.09 12.30 5.58
CA LYS B 106 -37.36 11.89 6.19
C LYS B 106 -37.40 10.39 6.48
N ALA B 107 -36.70 9.59 5.67
CA ALA B 107 -36.64 8.16 5.95
C ALA B 107 -35.93 7.88 7.27
N LEU B 108 -34.94 8.70 7.64
CA LEU B 108 -34.13 8.42 8.82
C LEU B 108 -34.79 8.97 10.07
N PRO B 109 -34.94 8.17 11.12
CA PRO B 109 -35.42 8.72 12.39
C PRO B 109 -34.47 9.74 12.99
N ALA B 110 -33.17 9.46 12.96
CA ALA B 110 -32.15 10.35 13.47
C ALA B 110 -31.22 10.77 12.35
N PRO B 111 -30.86 12.05 12.28
CA PRO B 111 -29.82 12.46 11.34
C PRO B 111 -28.53 11.68 11.56
N ILE B 112 -27.73 11.57 10.51
CA ILE B 112 -26.45 10.88 10.56
C ILE B 112 -25.34 11.90 10.63
N GLU B 113 -24.43 11.74 11.58
CA GLU B 113 -23.33 12.66 11.82
C GLU B 113 -22.02 11.99 11.46
N LYS B 114 -21.17 12.71 10.75
CA LYS B 114 -19.79 12.30 10.50
C LYS B 114 -18.88 13.46 10.83
N THR B 115 -17.70 13.14 11.37
CA THR B 115 -16.73 14.14 11.76
C THR B 115 -15.33 13.70 11.35
N ILE B 116 -14.54 14.61 10.78
CA ILE B 116 -13.14 14.33 10.51
C ILE B 116 -12.29 15.51 10.94
N SER B 117 -11.00 15.25 11.11
CA SER B 117 -10.00 16.27 11.34
C SER B 117 -8.64 15.69 10.99
N LYS B 118 -7.63 16.56 11.00
CA LYS B 118 -6.26 16.13 10.73
C LYS B 118 -5.81 15.08 11.75
N ALA B 119 -5.00 14.12 11.27
CA ALA B 119 -4.32 13.20 12.17
C ALA B 119 -3.57 13.96 13.24
N LYS B 120 -3.64 13.47 14.47
CA LYS B 120 -3.01 14.16 15.59
C LYS B 120 -1.65 13.54 15.86
N GLY B 121 -0.78 14.34 16.44
CA GLY B 121 0.56 13.90 16.79
C GLY B 121 1.58 14.93 16.38
N GLN B 122 2.71 14.91 17.05
CA GLN B 122 3.80 15.82 16.75
C GLN B 122 4.22 15.64 15.28
N PRO B 123 4.13 16.67 14.45
CA PRO B 123 4.61 16.52 13.07
C PRO B 123 6.11 16.29 13.02
N ARG B 124 6.53 15.48 12.04
CA ARG B 124 7.95 15.19 11.86
C ARG B 124 8.32 15.44 10.40
N GLU B 125 9.46 16.02 10.19
CA GLU B 125 9.84 16.52 8.87
C GLU B 125 10.34 15.37 7.99
N PRO B 126 9.81 15.23 6.77
CA PRO B 126 10.33 14.20 5.87
C PRO B 126 11.74 14.51 5.41
N GLN B 127 12.56 13.47 5.33
CA GLN B 127 13.87 13.56 4.70
C GLN B 127 13.74 13.03 3.28
N VAL B 128 14.26 13.78 2.32
CA VAL B 128 14.04 13.51 0.91
C VAL B 128 15.39 13.23 0.26
N TYR B 129 15.48 12.07 -0.39
CA TYR B 129 16.74 11.59 -0.95
C TYR B 129 16.45 11.04 -2.35
N THR B 130 17.14 11.55 -3.35
CA THR B 130 17.03 11.03 -4.70
C THR B 130 18.12 10.00 -4.93
N LEU B 131 17.77 8.91 -5.62
CA LEU B 131 18.68 7.81 -5.89
C LEU B 131 18.74 7.61 -7.39
N PRO B 132 19.89 7.69 -8.02
CA PRO B 132 19.96 7.54 -9.47
C PRO B 132 19.70 6.10 -9.88
N PRO B 133 19.55 5.83 -11.17
CA PRO B 133 19.37 4.45 -11.62
C PRO B 133 20.59 3.59 -11.31
N SER B 134 20.32 2.33 -11.00
CA SER B 134 21.39 1.35 -10.85
C SER B 134 22.19 1.26 -12.15
N ARG B 135 23.50 1.12 -12.00
CA ARG B 135 24.38 0.92 -13.13
C ARG B 135 23.93 -0.29 -13.95
N GLU B 136 23.33 -1.30 -13.30
CA GLU B 136 22.80 -2.46 -14.00
C GLU B 136 21.48 -2.20 -14.72
N GLU B 137 20.79 -1.09 -14.41
CA GLU B 137 19.59 -0.73 -15.16
C GLU B 137 19.91 0.04 -16.43
N MET B 138 21.12 0.61 -16.54
CA MET B 138 21.51 1.36 -17.73
C MET B 138 21.64 0.50 -18.98
N THR B 139 21.41 -0.81 -18.90
CA THR B 139 21.35 -1.62 -20.09
C THR B 139 19.98 -1.66 -20.74
N LYS B 140 18.95 -1.11 -20.08
CA LYS B 140 17.58 -1.16 -20.58
C LYS B 140 17.24 0.14 -21.33
N ASN B 141 16.08 0.10 -22.01
CA ASN B 141 15.62 1.25 -22.80
C ASN B 141 15.18 2.40 -21.91
N GLN B 142 14.66 2.09 -20.72
CA GLN B 142 14.19 3.09 -19.77
C GLN B 142 14.83 2.82 -18.42
N VAL B 143 15.01 3.87 -17.63
CA VAL B 143 15.61 3.75 -16.31
C VAL B 143 14.68 4.38 -15.28
N SER B 144 14.95 4.09 -14.02
CA SER B 144 14.11 4.48 -12.89
C SER B 144 14.84 5.49 -12.03
N LEU B 145 14.26 6.67 -11.89
CA LEU B 145 14.72 7.70 -10.96
C LEU B 145 13.91 7.57 -9.67
N THR B 146 14.60 7.47 -8.54
CA THR B 146 13.94 7.13 -7.29
C THR B 146 13.99 8.32 -6.34
N CYS B 147 12.86 8.59 -5.70
CA CYS B 147 12.78 9.59 -4.63
C CYS B 147 12.38 8.87 -3.35
N LEU B 148 13.30 8.83 -2.38
CA LEU B 148 13.01 8.25 -1.08
C LEU B 148 12.57 9.37 -0.15
N VAL B 149 11.42 9.20 0.49
CA VAL B 149 10.89 10.17 1.43
C VAL B 149 10.63 9.43 2.74
N LYS B 150 11.35 9.82 3.80
CA LYS B 150 11.26 9.05 5.04
C LYS B 150 11.24 9.99 6.25
N GLY B 151 10.75 9.45 7.37
CA GLY B 151 10.77 10.15 8.64
C GLY B 151 9.64 11.13 8.87
N PHE B 152 8.60 11.11 8.03
CA PHE B 152 7.57 12.12 8.12
C PHE B 152 6.36 11.61 8.91
N TYR B 153 5.69 12.56 9.56
CA TYR B 153 4.47 12.29 10.28
C TYR B 153 3.70 13.61 10.28
N PRO B 154 2.36 13.58 10.10
CA PRO B 154 1.52 12.43 9.77
C PRO B 154 1.72 11.97 8.34
N SER B 155 0.93 10.98 7.88
CA SER B 155 1.16 10.38 6.57
C SER B 155 0.71 11.25 5.41
N ASP B 156 -0.06 12.31 5.68
CA ASP B 156 -0.52 13.22 4.64
C ASP B 156 0.66 13.87 3.96
N ILE B 157 0.79 13.66 2.64
CA ILE B 157 1.97 14.10 1.90
C ILE B 157 1.62 14.08 0.41
N ALA B 158 2.31 14.92 -0.36
CA ALA B 158 2.18 14.94 -1.81
C ALA B 158 3.57 14.92 -2.40
N VAL B 159 3.75 14.15 -3.49
CA VAL B 159 5.03 14.01 -4.16
C VAL B 159 4.79 14.17 -5.66
N GLU B 160 5.62 14.98 -6.32
CA GLU B 160 5.51 15.24 -7.74
C GLU B 160 6.91 15.31 -8.32
N TRP B 161 7.00 15.25 -9.64
CA TRP B 161 8.28 15.33 -10.36
C TRP B 161 8.25 16.43 -11.40
N GLU B 162 9.43 16.98 -11.67
CA GLU B 162 9.59 18.05 -12.66
C GLU B 162 10.86 17.81 -13.45
N SER B 163 10.97 18.50 -14.58
CA SER B 163 12.23 18.63 -15.30
C SER B 163 12.14 19.88 -16.18
N ASN B 164 13.18 20.70 -16.16
CA ASN B 164 13.25 21.90 -16.98
C ASN B 164 12.00 22.76 -16.81
N GLY B 165 11.54 22.87 -15.56
CA GLY B 165 10.39 23.71 -15.26
C GLY B 165 9.07 23.23 -15.82
N GLN B 166 8.94 21.95 -16.15
CA GLN B 166 7.67 21.42 -16.60
C GLN B 166 7.36 20.16 -15.79
N PRO B 167 6.08 19.91 -15.48
CA PRO B 167 5.74 18.72 -14.71
C PRO B 167 6.05 17.45 -15.48
N GLU B 168 6.51 16.43 -14.76
CA GLU B 168 6.69 15.07 -15.27
C GLU B 168 5.66 14.19 -14.58
N ASN B 169 4.69 13.70 -15.35
CA ASN B 169 3.58 12.94 -14.79
C ASN B 169 3.75 11.43 -14.89
N ASN B 170 4.83 10.94 -15.48
CA ASN B 170 5.02 9.49 -15.66
C ASN B 170 5.68 8.83 -14.45
N TYR B 171 5.14 9.08 -13.25
CA TYR B 171 5.68 8.49 -12.04
C TYR B 171 4.61 7.68 -11.32
N LYS B 172 5.07 6.77 -10.47
CA LYS B 172 4.22 6.06 -9.53
C LYS B 172 4.85 6.20 -8.15
N THR B 173 4.01 6.45 -7.16
CA THR B 173 4.46 6.64 -5.78
C THR B 173 3.81 5.59 -4.91
N THR B 174 4.60 4.94 -4.05
CA THR B 174 4.01 3.96 -3.14
C THR B 174 3.15 4.68 -2.11
N PRO B 175 2.10 4.01 -1.60
CA PRO B 175 1.44 4.53 -0.41
C PRO B 175 2.43 4.63 0.73
N PRO B 176 2.18 5.52 1.69
CA PRO B 176 3.09 5.61 2.85
C PRO B 176 3.11 4.29 3.61
N VAL B 177 4.28 3.95 4.14
CA VAL B 177 4.48 2.75 4.95
C VAL B 177 4.92 3.19 6.33
N LEU B 178 4.25 2.68 7.36
CA LEU B 178 4.63 3.02 8.73
C LEU B 178 5.97 2.37 9.08
N ASP B 179 6.95 3.20 9.46
CA ASP B 179 8.25 2.68 9.87
C ASP B 179 8.21 2.37 11.36
N SER B 180 9.28 1.79 11.88
CA SER B 180 9.25 1.25 13.23
C SER B 180 9.37 2.31 14.32
N ASP B 181 9.71 3.55 13.96
CA ASP B 181 9.80 4.63 14.93
C ASP B 181 8.56 5.52 14.96
N GLY B 182 7.43 5.06 14.41
CA GLY B 182 6.22 5.85 14.38
C GLY B 182 6.13 6.85 13.25
N SER B 183 7.13 6.92 12.38
CA SER B 183 7.09 7.79 11.20
C SER B 183 6.78 6.95 9.96
N PHE B 184 6.51 7.65 8.86
CA PHE B 184 6.19 7.01 7.59
C PHE B 184 7.30 7.23 6.57
N PHE B 185 7.39 6.31 5.61
CA PHE B 185 8.22 6.51 4.44
C PHE B 185 7.46 6.07 3.19
N LEU B 186 7.97 6.51 2.05
CA LEU B 186 7.46 6.10 0.75
C LEU B 186 8.60 6.23 -0.26
N TYR B 187 8.39 5.61 -1.42
CA TYR B 187 9.27 5.81 -2.57
C TYR B 187 8.41 6.27 -3.73
N SER B 188 8.93 7.21 -4.52
CA SER B 188 8.30 7.58 -5.78
C SER B 188 9.28 7.24 -6.90
N LYS B 189 8.76 6.65 -7.98
CA LYS B 189 9.61 6.20 -9.08
C LYS B 189 9.18 6.90 -10.35
N LEU B 190 10.11 7.59 -11.00
CA LEU B 190 9.86 8.24 -12.27
C LEU B 190 10.59 7.43 -13.34
N THR B 191 9.85 6.97 -14.33
CA THR B 191 10.43 6.22 -15.44
C THR B 191 10.77 7.19 -16.57
N VAL B 192 12.02 7.16 -17.02
CA VAL B 192 12.44 8.02 -18.12
C VAL B 192 13.19 7.16 -19.13
N ASP B 193 13.07 7.53 -20.40
CA ASP B 193 13.93 6.91 -21.41
C ASP B 193 15.38 7.15 -21.05
N LYS B 194 16.18 6.10 -21.15
CA LYS B 194 17.60 6.20 -20.85
C LYS B 194 18.26 7.33 -21.62
N SER B 195 17.83 7.57 -22.86
CA SER B 195 18.42 8.64 -23.64
C SER B 195 18.24 9.99 -22.95
N ARG B 196 17.03 10.28 -22.48
CA ARG B 196 16.78 11.49 -21.70
C ARG B 196 17.74 11.57 -20.51
N TRP B 197 17.89 10.47 -19.80
CA TRP B 197 18.77 10.47 -18.63
C TRP B 197 20.21 10.73 -19.04
N GLN B 198 20.68 10.06 -20.10
CA GLN B 198 22.08 10.15 -20.48
C GLN B 198 22.44 11.48 -21.15
N GLN B 199 21.47 12.24 -21.63
CA GLN B 199 21.82 13.51 -22.24
C GLN B 199 21.83 14.65 -21.23
N GLY B 200 21.84 14.32 -19.94
CA GLY B 200 22.15 15.27 -18.89
C GLY B 200 21.00 16.07 -18.35
N ASN B 201 19.75 15.69 -18.64
CA ASN B 201 18.61 16.44 -18.15
C ASN B 201 18.50 16.35 -16.63
N VAL B 202 18.16 17.47 -16.00
CA VAL B 202 17.99 17.53 -14.56
C VAL B 202 16.54 17.21 -14.22
N PHE B 203 16.34 16.28 -13.31
CA PHE B 203 15.02 15.89 -12.86
C PHE B 203 14.87 16.24 -11.38
N SER B 204 13.64 16.50 -10.97
CA SER B 204 13.38 17.05 -9.65
C SER B 204 12.25 16.29 -8.99
N CYS B 205 12.47 15.86 -7.76
CA CYS B 205 11.42 15.33 -6.90
C CYS B 205 10.98 16.45 -5.98
N SER B 206 9.67 16.77 -6.01
CA SER B 206 9.10 17.80 -5.13
C SER B 206 8.15 17.18 -4.12
N VAL B 207 8.32 17.55 -2.86
CA VAL B 207 7.57 16.95 -1.75
C VAL B 207 6.89 18.07 -0.97
N MET B 208 5.63 17.85 -0.63
CA MET B 208 4.83 18.79 0.14
C MET B 208 4.32 18.09 1.39
N HIS B 209 4.59 18.71 2.54
CA HIS B 209 4.25 18.13 3.84
C HIS B 209 4.24 19.25 4.87
N GLU B 210 3.36 19.12 5.87
CA GLU B 210 3.20 20.22 6.82
C GLU B 210 4.45 20.49 7.64
N ALA B 211 5.35 19.52 7.76
CA ALA B 211 6.54 19.67 8.60
C ALA B 211 7.77 20.12 7.81
N LEU B 212 7.62 20.47 6.54
CA LEU B 212 8.69 21.06 5.75
C LEU B 212 8.58 22.57 5.79
N HIS B 213 9.74 23.24 5.81
CA HIS B 213 9.75 24.68 5.66
C HIS B 213 9.08 25.06 4.35
N ASN B 214 8.15 26.02 4.40
CA ASN B 214 7.30 26.42 3.29
C ASN B 214 6.37 25.31 2.81
N HIS B 215 6.25 24.22 3.58
CA HIS B 215 5.50 23.02 3.18
C HIS B 215 6.03 22.40 1.88
N TYR B 216 7.25 22.72 1.49
CA TYR B 216 7.72 22.39 0.13
C TYR B 216 9.23 22.19 0.16
N THR B 217 9.69 21.09 -0.44
CA THR B 217 11.10 20.93 -0.74
C THR B 217 11.24 20.22 -2.07
N GLN B 218 12.34 20.51 -2.77
CA GLN B 218 12.60 19.95 -4.08
C GLN B 218 14.06 19.49 -4.13
N LYS B 219 14.27 18.25 -4.55
CA LYS B 219 15.59 17.65 -4.64
C LYS B 219 15.85 17.24 -6.07
N SER B 220 17.07 17.47 -6.55
CA SER B 220 17.40 17.25 -7.95
C SER B 220 18.26 16.01 -8.14
N LEU B 221 18.25 15.51 -9.38
CA LEU B 221 18.91 14.27 -9.76
C LEU B 221 19.30 14.43 -11.22
N SER B 222 20.56 14.11 -11.54
CA SER B 222 21.01 14.15 -12.92
C SER B 222 22.29 13.34 -13.04
N LEU B 223 22.65 13.04 -14.28
CA LEU B 223 23.90 12.34 -14.59
C LEU B 223 25.11 13.24 -14.40
N PHE C 1 18.53 -21.91 3.30
CA PHE C 1 17.93 -23.10 2.70
C PHE C 1 18.94 -23.80 1.81
N ASN C 2 18.64 -25.02 1.43
CA ASN C 2 19.53 -25.80 0.57
C ASN C 2 19.31 -25.38 -0.88
N MET C 3 20.32 -24.75 -1.48
CA MET C 3 20.19 -24.23 -2.84
C MET C 3 20.27 -25.35 -3.88
N GLN C 4 21.01 -26.42 -3.58
CA GLN C 4 21.00 -27.64 -4.39
C GLN C 4 19.59 -28.12 -4.69
N CYS C 5 18.83 -28.38 -3.62
CA CYS C 5 17.50 -28.94 -3.80
C CYS C 5 16.55 -27.96 -4.47
N GLN C 6 16.71 -26.66 -4.17
CA GLN C 6 15.89 -25.66 -4.82
C GLN C 6 16.13 -25.65 -6.32
N ARG C 7 17.40 -25.76 -6.74
CA ARG C 7 17.71 -25.89 -8.15
C ARG C 7 17.09 -27.13 -8.76
N ARG C 8 17.13 -28.26 -8.05
CA ARG C 8 16.58 -29.49 -8.60
C ARG C 8 15.06 -29.41 -8.70
N PHE C 9 14.42 -28.80 -7.70
CA PHE C 9 12.99 -28.53 -7.76
C PHE C 9 12.64 -27.73 -9.00
N TYR C 10 13.31 -26.60 -9.20
CA TYR C 10 12.99 -25.73 -10.32
C TYR C 10 13.22 -26.42 -11.66
N GLU C 11 14.31 -27.16 -11.79
CA GLU C 11 14.58 -27.81 -13.07
C GLU C 11 13.53 -28.86 -13.37
N ALA C 12 13.10 -29.61 -12.34
CA ALA C 12 12.01 -30.57 -12.52
C ALA C 12 10.70 -29.86 -12.89
N LEU C 13 10.40 -28.76 -12.19
CA LEU C 13 9.16 -28.02 -12.43
C LEU C 13 9.00 -27.61 -13.88
N HIS C 14 10.10 -27.28 -14.56
CA HIS C 14 10.07 -26.73 -15.90
C HIS C 14 10.61 -27.68 -16.95
N ASP C 15 10.92 -28.90 -16.58
CA ASP C 15 11.45 -29.86 -17.54
C ASP C 15 10.38 -30.19 -18.56
N PRO C 16 10.57 -29.85 -19.84
CA PRO C 16 9.54 -30.13 -20.84
C PRO C 16 9.43 -31.60 -21.20
N ASN C 17 10.45 -32.42 -20.87
CA ASN C 17 10.38 -33.85 -21.12
C ASN C 17 9.55 -34.62 -20.10
N LEU C 18 9.08 -33.96 -19.04
CA LEU C 18 8.26 -34.61 -18.02
C LEU C 18 6.81 -34.21 -18.17
N ASN C 19 5.91 -35.19 -18.08
CA ASN C 19 4.49 -34.91 -17.97
C ASN C 19 4.12 -34.74 -16.50
N GLU C 20 2.85 -34.45 -16.23
CA GLU C 20 2.45 -34.10 -14.88
C GLU C 20 2.78 -35.20 -13.88
N GLU C 21 2.55 -36.47 -14.27
CA GLU C 21 2.86 -37.59 -13.38
C GLU C 21 4.35 -37.72 -13.11
N GLN C 22 5.17 -37.66 -14.18
CA GLN C 22 6.61 -37.79 -14.00
C GLN C 22 7.17 -36.60 -13.23
N ARG C 23 6.65 -35.41 -13.50
CA ARG C 23 7.08 -34.21 -12.79
C ARG C 23 6.74 -34.30 -11.31
N ASN C 24 5.55 -34.77 -10.97
CA ASN C 24 5.18 -34.89 -9.56
C ASN C 24 6.11 -35.86 -8.85
N ALA C 25 6.38 -37.01 -9.45
CA ALA C 25 7.23 -38.00 -8.81
C ALA C 25 8.63 -37.46 -8.59
N LYS C 26 9.17 -36.74 -9.55
CA LYS C 26 10.54 -36.27 -9.39
C LYS C 26 10.60 -35.13 -8.37
N ILE C 27 9.58 -34.27 -8.35
CA ILE C 27 9.50 -33.25 -7.31
C ILE C 27 9.29 -33.87 -5.94
N LYS C 28 8.45 -34.92 -5.86
CA LYS C 28 8.26 -35.62 -4.60
C LYS C 28 9.56 -36.22 -4.10
N SER C 29 10.39 -36.74 -5.02
CA SER C 29 11.67 -37.31 -4.63
C SER C 29 12.60 -36.25 -4.05
N ILE C 30 12.63 -35.07 -4.67
CA ILE C 30 13.45 -33.97 -4.16
C ILE C 30 12.95 -33.53 -2.79
N ARG C 31 11.64 -33.34 -2.65
CA ARG C 31 11.05 -32.95 -1.38
C ARG C 31 11.40 -33.94 -0.28
N ASP C 32 11.39 -35.24 -0.59
CA ASP C 32 11.51 -36.25 0.44
C ASP C 32 12.96 -36.64 0.73
N ASP C 33 13.82 -36.63 -0.28
CA ASP C 33 15.21 -37.03 -0.12
C ASP C 33 16.17 -35.85 -0.26
N CYS C 34 15.73 -34.69 0.23
CA CYS C 34 16.60 -33.62 0.68
C CYS C 34 16.37 -33.30 2.15
N PHE D 1 3.19 27.07 -9.15
CA PHE D 1 2.65 28.02 -8.18
C PHE D 1 3.64 29.14 -7.90
N ASN D 2 3.15 30.24 -7.34
CA ASN D 2 4.00 31.36 -6.99
C ASN D 2 4.70 31.06 -5.66
N MET D 3 6.02 30.91 -5.70
CA MET D 3 6.79 30.62 -4.49
C MET D 3 6.83 31.79 -3.51
N GLN D 4 6.79 33.03 -3.99
CA GLN D 4 6.73 34.18 -3.09
C GLN D 4 5.54 34.05 -2.12
N CYS D 5 4.33 33.92 -2.66
CA CYS D 5 3.14 33.85 -1.81
C CYS D 5 3.23 32.69 -0.84
N GLN D 6 3.74 31.55 -1.31
CA GLN D 6 3.82 30.36 -0.47
C GLN D 6 4.74 30.60 0.72
N ARG D 7 5.87 31.28 0.48
CA ARG D 7 6.73 31.67 1.59
C ARG D 7 6.01 32.58 2.56
N ARG D 8 5.28 33.57 2.05
CA ARG D 8 4.57 34.51 2.93
C ARG D 8 3.49 33.80 3.73
N PHE D 9 2.74 32.91 3.09
CA PHE D 9 1.76 32.08 3.79
C PHE D 9 2.41 31.30 4.92
N TYR D 10 3.50 30.59 4.63
CA TYR D 10 4.14 29.78 5.65
C TYR D 10 4.70 30.64 6.79
N GLU D 11 5.26 31.80 6.46
CA GLU D 11 5.75 32.69 7.51
C GLU D 11 4.60 33.19 8.38
N ALA D 12 3.49 33.60 7.77
CA ALA D 12 2.33 34.03 8.54
C ALA D 12 1.80 32.88 9.42
N LEU D 13 1.74 31.67 8.85
CA LEU D 13 1.21 30.52 9.58
C LEU D 13 1.99 30.24 10.86
N HIS D 14 3.29 30.47 10.88
CA HIS D 14 4.11 30.08 12.01
C HIS D 14 4.63 31.26 12.83
N ASP D 15 4.24 32.49 12.48
CA ASP D 15 4.68 33.68 13.20
C ASP D 15 4.16 33.63 14.64
N PRO D 16 5.03 33.48 15.63
CA PRO D 16 4.55 33.41 17.03
C PRO D 16 4.01 34.73 17.55
N ASN D 17 4.23 35.83 16.84
CA ASN D 17 3.72 37.13 17.25
C ASN D 17 2.32 37.42 16.73
N LEU D 18 1.69 36.47 16.05
CA LEU D 18 0.33 36.61 15.55
C LEU D 18 -0.58 35.68 16.33
N ASN D 19 -1.66 36.22 16.89
CA ASN D 19 -2.72 35.39 17.42
C ASN D 19 -3.60 34.91 16.26
N GLU D 20 -4.61 34.10 16.57
CA GLU D 20 -5.40 33.49 15.51
C GLU D 20 -6.02 34.55 14.61
N GLU D 21 -6.59 35.61 15.21
CA GLU D 21 -7.20 36.67 14.42
C GLU D 21 -6.19 37.33 13.49
N GLN D 22 -5.05 37.75 14.03
CA GLN D 22 -4.05 38.43 13.22
C GLN D 22 -3.47 37.50 12.15
N ARG D 23 -3.34 36.22 12.48
CA ARG D 23 -2.84 35.24 11.52
C ARG D 23 -3.84 35.00 10.39
N ASN D 24 -5.12 34.89 10.73
CA ASN D 24 -6.13 34.71 9.68
C ASN D 24 -6.15 35.89 8.72
N ALA D 25 -6.00 37.11 9.24
CA ALA D 25 -6.04 38.30 8.39
C ALA D 25 -4.83 38.37 7.47
N LYS D 26 -3.63 38.16 8.02
CA LYS D 26 -2.44 38.17 7.17
C LYS D 26 -2.50 37.07 6.13
N ILE D 27 -2.99 35.89 6.53
CA ILE D 27 -3.12 34.81 5.55
C ILE D 27 -4.17 35.15 4.50
N LYS D 28 -5.29 35.76 4.92
CA LYS D 28 -6.33 36.11 3.96
C LYS D 28 -5.84 37.17 2.96
N SER D 29 -5.05 38.14 3.42
CA SER D 29 -4.49 39.14 2.51
C SER D 29 -3.56 38.48 1.50
N ILE D 30 -2.73 37.54 1.97
CA ILE D 30 -1.85 36.81 1.05
C ILE D 30 -2.68 36.08 0.01
N ARG D 31 -3.69 35.35 0.44
CA ARG D 31 -4.48 34.55 -0.50
C ARG D 31 -5.28 35.44 -1.44
N ASP D 32 -5.75 36.59 -0.94
CA ASP D 32 -6.63 37.44 -1.75
C ASP D 32 -5.84 38.30 -2.73
N ASP D 33 -4.66 38.78 -2.33
CA ASP D 33 -3.99 39.86 -3.07
C ASP D 33 -2.73 39.42 -3.82
N CYS D 34 -2.57 38.13 -4.08
CA CYS D 34 -1.51 37.72 -5.02
C CYS D 34 -1.61 36.24 -5.36
#